data_6D0I
#
_entry.id   6D0I
#
_cell.length_a   41.977
_cell.length_b   51.319
_cell.length_c   57.941
_cell.angle_alpha   84.680
_cell.angle_beta   73.820
_cell.angle_gamma   85.510
#
_symmetry.space_group_name_H-M   'P 1'
#
loop_
_entity.id
_entity.type
_entity.pdbx_description
1 polymer 'ParT: COG5654 (RES domain) toxin'
2 polymer 'ParS: COG5642 (DUF2384) antitoxin fragment'
3 non-polymer GLYCEROL
4 water water
#
loop_
_entity_poly.entity_id
_entity_poly.type
_entity_poly.pdbx_seq_one_letter_code
_entity_poly.pdbx_strand_id
1 'polypeptide(L)'
;PVTTSFWRIATDARTYEADDLSGAGAKITGGRWNEVGVAIVYAASSRA(MSE)ACLETVVHLNSGGLPLNRYLVEIEVPD
EVLASAEVATPGNLPVGWDAEPAGRVSISFGSQWAQSQRTALLLVPSVIVPEETNLLINPAHPDAKGIKARKVRKWLYDP
R(MSE)IR
;
A,C
2 'polypeptide(L)' VLGLAKLVGQLED(MSE)VEESGETDGFDAPEWLSSWLRQPLPALGGVNPIDLLDT(MSE)EGQAVVSRALAQIQSGAFA B,D
#
loop_
_chem_comp.id
_chem_comp.type
_chem_comp.name
_chem_comp.formula
GOL non-polymer GLYCEROL 'C3 H8 O3'
#
# COMPACT_ATOMS: atom_id res chain seq x y z
N PRO A 1 2.20 22.29 15.42
CA PRO A 1 1.05 22.61 14.55
C PRO A 1 -0.26 22.67 15.33
N VAL A 2 -1.24 23.41 14.83
CA VAL A 2 -2.58 23.38 15.39
C VAL A 2 -3.53 22.66 14.43
N THR A 3 -2.96 21.97 13.45
CA THR A 3 -3.75 21.18 12.51
C THR A 3 -3.17 19.77 12.41
N THR A 4 -3.99 18.87 11.90
CA THR A 4 -3.57 17.49 11.65
C THR A 4 -3.85 17.21 10.20
N SER A 5 -2.88 16.60 9.51
CA SER A 5 -3.03 16.37 8.08
C SER A 5 -3.57 14.99 7.77
N PHE A 6 -4.51 14.96 6.82
CA PHE A 6 -5.00 13.73 6.23
C PHE A 6 -4.74 13.82 4.75
N TRP A 7 -4.91 12.71 4.03
CA TRP A 7 -4.34 12.61 2.69
C TRP A 7 -5.29 12.02 1.66
N ARG A 8 -5.24 12.57 0.46
CA ARG A 8 -5.92 11.99 -0.70
C ARG A 8 -4.94 11.88 -1.86
N ILE A 9 -5.18 10.91 -2.71
CA ILE A 9 -4.50 10.84 -3.99
C ILE A 9 -5.62 11.03 -4.99
N ALA A 10 -5.69 12.22 -5.58
CA ALA A 10 -6.89 12.57 -6.34
C ALA A 10 -6.57 13.22 -7.68
N THR A 11 -7.56 13.18 -8.57
CA THR A 11 -7.44 13.80 -9.88
C THR A 11 -8.36 15.00 -10.00
N ASP A 12 -8.02 15.90 -10.92
CA ASP A 12 -8.96 16.93 -11.36
C ASP A 12 -9.97 16.26 -12.28
N ALA A 13 -11.20 16.78 -12.28
CA ALA A 13 -12.22 16.29 -13.20
C ALA A 13 -12.81 17.48 -13.94
N ARG A 14 -13.90 17.26 -14.68
CA ARG A 14 -14.41 18.34 -15.50
C ARG A 14 -15.07 19.45 -14.66
N THR A 15 -15.72 19.08 -13.57
CA THR A 15 -16.48 20.04 -12.77
C THR A 15 -16.03 20.16 -11.31
N TYR A 16 -14.96 19.45 -10.93
CA TYR A 16 -14.36 19.62 -9.61
C TYR A 16 -12.87 19.31 -9.70
N GLU A 17 -12.11 19.76 -8.71
CA GLU A 17 -10.65 19.63 -8.76
C GLU A 17 -10.14 18.66 -7.70
N ALA A 18 -8.85 18.32 -7.77
CA ALA A 18 -8.27 17.39 -6.81
C ALA A 18 -8.34 17.90 -5.38
N ASP A 19 -8.30 19.22 -5.20
CA ASP A 19 -8.33 19.82 -3.86
C ASP A 19 -9.75 20.24 -3.42
N ASP A 20 -10.73 19.65 -4.07
CA ASP A 20 -12.14 19.85 -3.74
C ASP A 20 -12.45 19.46 -2.30
N LEU A 21 -13.17 20.32 -1.58
CA LEU A 21 -13.68 19.94 -0.27
C LEU A 21 -15.21 19.90 -0.24
N SER A 22 -15.83 19.96 -1.41
CA SER A 22 -17.29 19.95 -1.47
C SER A 22 -17.83 18.52 -1.50
N GLY A 23 -16.96 17.53 -1.70
CA GLY A 23 -17.38 16.14 -1.76
C GLY A 23 -18.07 15.77 -3.07
N ALA A 24 -17.74 16.50 -4.13
CA ALA A 24 -18.39 16.33 -5.42
C ALA A 24 -18.22 14.94 -6.01
N GLY A 25 -17.00 14.39 -5.96
CA GLY A 25 -16.76 13.08 -6.55
C GLY A 25 -17.58 11.97 -5.90
N ALA A 26 -17.52 11.89 -4.57
CA ALA A 26 -18.23 10.86 -3.84
C ALA A 26 -19.74 11.03 -3.97
N LYS A 27 -20.20 12.27 -4.16
CA LYS A 27 -21.61 12.53 -4.40
C LYS A 27 -22.08 11.84 -5.68
N ILE A 28 -21.21 11.81 -6.68
CA ILE A 28 -21.56 11.23 -7.96
C ILE A 28 -21.59 9.70 -7.91
N THR A 29 -20.60 9.10 -7.26
CA THR A 29 -20.46 7.64 -7.35
C THR A 29 -20.99 6.87 -6.15
N GLY A 30 -21.07 7.55 -5.01
CA GLY A 30 -21.25 6.83 -3.76
C GLY A 30 -19.95 6.13 -3.36
N GLY A 31 -19.98 5.49 -2.21
CA GLY A 31 -18.78 4.85 -1.67
C GLY A 31 -19.14 3.98 -0.49
N ARG A 32 -18.14 3.48 0.22
CA ARG A 32 -18.40 2.56 1.33
C ARG A 32 -19.26 3.21 2.40
N TRP A 33 -19.16 4.53 2.54
CA TRP A 33 -19.81 5.20 3.66
C TRP A 33 -20.77 6.29 3.22
N ASN A 34 -21.19 6.28 1.95
CA ASN A 34 -22.16 7.29 1.50
C ASN A 34 -22.96 6.82 0.29
N GLU A 35 -24.20 7.31 0.24
CA GLU A 35 -25.08 7.07 -0.89
C GLU A 35 -24.78 8.04 -2.02
N VAL A 36 -25.02 7.58 -3.24
CA VAL A 36 -25.12 8.48 -4.38
C VAL A 36 -26.04 9.65 -4.05
N GLY A 37 -25.56 10.86 -4.31
CA GLY A 37 -26.33 12.04 -4.03
C GLY A 37 -26.00 12.74 -2.72
N VAL A 38 -25.18 12.09 -1.89
CA VAL A 38 -24.75 12.68 -0.64
C VAL A 38 -23.26 12.98 -0.71
N ALA A 39 -22.90 14.24 -0.59
CA ALA A 39 -21.51 14.66 -0.68
C ALA A 39 -20.74 14.46 0.61
N ILE A 40 -19.59 13.78 0.49
CA ILE A 40 -18.70 13.45 1.60
C ILE A 40 -17.28 13.47 1.05
N VAL A 41 -16.32 13.92 1.86
CA VAL A 41 -14.90 13.85 1.49
C VAL A 41 -14.27 12.66 2.19
N TYR A 42 -13.59 11.82 1.40
CA TYR A 42 -12.84 10.67 1.92
C TYR A 42 -11.36 10.98 1.95
N ALA A 43 -10.73 10.82 3.12
CA ALA A 43 -9.28 11.00 3.23
C ALA A 43 -8.69 9.91 4.11
N ALA A 44 -7.38 9.75 4.03
CA ALA A 44 -6.70 8.68 4.77
C ALA A 44 -5.78 9.29 5.82
N SER A 45 -5.55 8.55 6.90
CA SER A 45 -4.70 9.07 7.98
C SER A 45 -3.21 9.05 7.63
N SER A 46 -2.81 8.27 6.62
CA SER A 46 -1.43 8.33 6.12
C SER A 46 -1.44 8.36 4.60
N ARG A 47 -0.33 8.81 4.02
CA ARG A 47 -0.19 8.79 2.59
C ARG A 47 -0.15 7.34 2.06
N ALA A 48 0.47 6.45 2.85
CA ALA A 48 0.51 5.03 2.49
C ALA A 48 -0.91 4.46 2.39
N MSE A 49 -1.74 4.80 3.36
CA MSE A 49 -3.13 4.34 3.33
C MSE A 49 -3.89 4.92 2.14
O MSE A 49 -4.69 4.21 1.51
CB MSE A 49 -3.86 4.69 4.63
CG MSE A 49 -5.34 4.35 4.61
SE MSE A 49 -5.68 2.43 4.58
CE MSE A 49 -5.10 2.04 6.37
N ALA A 50 -3.65 6.19 1.80
CA ALA A 50 -4.29 6.77 0.63
C ALA A 50 -3.94 5.99 -0.63
N CYS A 51 -2.69 5.53 -0.74
CA CYS A 51 -2.30 4.73 -1.89
C CYS A 51 -3.04 3.37 -1.92
N LEU A 52 -3.12 2.70 -0.77
CA LEU A 52 -3.85 1.44 -0.71
C LEU A 52 -5.31 1.59 -1.09
N GLU A 53 -5.97 2.63 -0.58
CA GLU A 53 -7.40 2.83 -0.84
C GLU A 53 -7.69 3.25 -2.28
N THR A 54 -6.78 4.02 -2.86
CA THR A 54 -7.02 4.69 -4.14
C THR A 54 -6.50 3.90 -5.33
N VAL A 55 -5.30 3.35 -5.21
CA VAL A 55 -4.66 2.68 -6.33
C VAL A 55 -4.78 1.18 -6.19
N VAL A 56 -4.35 0.64 -5.06
CA VAL A 56 -4.27 -0.81 -4.92
C VAL A 56 -5.68 -1.45 -4.83
N HIS A 57 -6.54 -0.87 -4.01
CA HIS A 57 -7.83 -1.48 -3.72
C HIS A 57 -8.75 -1.50 -4.95
N LEU A 58 -8.58 -0.52 -5.82
CA LEU A 58 -9.36 -0.44 -7.05
C LEU A 58 -8.59 -0.97 -8.26
N ASN A 59 -7.41 -1.53 -8.00
CA ASN A 59 -6.49 -2.02 -9.03
C ASN A 59 -6.36 -1.03 -10.20
N SER A 60 -6.12 0.24 -9.87
CA SER A 60 -6.18 1.27 -10.90
C SER A 60 -4.83 1.66 -11.46
N GLY A 61 -3.79 0.90 -11.13
CA GLY A 61 -2.47 1.18 -11.66
C GLY A 61 -2.43 1.07 -13.17
N GLY A 62 -1.51 1.81 -13.79
CA GLY A 62 -1.36 1.74 -15.22
C GLY A 62 -2.19 2.73 -15.98
N LEU A 63 -3.07 3.46 -15.29
CA LEU A 63 -3.84 4.51 -15.97
C LEU A 63 -3.06 5.80 -16.03
N PRO A 64 -3.05 6.45 -17.20
CA PRO A 64 -2.29 7.69 -17.37
C PRO A 64 -3.06 8.86 -16.79
N LEU A 65 -3.40 8.76 -15.50
CA LEU A 65 -4.10 9.83 -14.80
C LEU A 65 -3.12 10.83 -14.21
N ASN A 66 -3.50 12.10 -14.18
CA ASN A 66 -2.71 13.09 -13.48
C ASN A 66 -3.15 13.14 -12.04
N ARG A 67 -2.52 12.29 -11.24
CA ARG A 67 -2.84 12.15 -9.83
C ARG A 67 -2.01 13.10 -8.99
N TYR A 68 -2.65 13.65 -7.96
CA TYR A 68 -2.00 14.54 -7.02
C TYR A 68 -2.12 14.02 -5.62
N LEU A 69 -1.05 14.18 -4.85
CA LEU A 69 -1.13 14.02 -3.41
C LEU A 69 -1.72 15.30 -2.89
N VAL A 70 -2.85 15.18 -2.21
CA VAL A 70 -3.57 16.32 -1.64
C VAL A 70 -3.51 16.25 -0.12
N GLU A 71 -3.02 17.32 0.50
CA GLU A 71 -2.97 17.43 1.96
C GLU A 71 -4.24 18.10 2.44
N ILE A 72 -4.93 17.44 3.37
CA ILE A 72 -6.13 18.01 3.98
C ILE A 72 -5.77 18.43 5.40
N GLU A 73 -5.76 19.73 5.66
CA GLU A 73 -5.35 20.23 6.96
C GLU A 73 -6.60 20.48 7.78
N VAL A 74 -6.74 19.69 8.84
CA VAL A 74 -7.91 19.72 9.70
C VAL A 74 -7.58 20.41 11.01
N PRO A 75 -8.33 21.46 11.37
CA PRO A 75 -8.09 22.11 12.68
C PRO A 75 -8.17 21.12 13.83
N ASP A 76 -7.21 21.15 14.73
CA ASP A 76 -7.17 20.19 15.81
C ASP A 76 -8.41 20.23 16.72
N GLU A 77 -9.05 21.40 16.85
CA GLU A 77 -10.22 21.49 17.72
C GLU A 77 -11.43 20.83 17.04
N VAL A 78 -11.44 20.81 15.72
CA VAL A 78 -12.49 20.12 14.97
C VAL A 78 -12.25 18.60 14.99
N LEU A 79 -10.99 18.20 14.88
CA LEU A 79 -10.64 16.79 15.00
C LEU A 79 -10.95 16.27 16.40
N ALA A 80 -10.72 17.11 17.41
CA ALA A 80 -11.02 16.73 18.79
C ALA A 80 -12.50 16.42 18.99
N SER A 81 -13.34 16.96 18.10
CA SER A 81 -14.78 16.81 18.19
C SER A 81 -15.30 15.66 17.32
N ALA A 82 -14.40 14.98 16.63
CA ALA A 82 -14.81 13.94 15.69
C ALA A 82 -15.39 12.73 16.40
N GLU A 83 -16.30 12.05 15.71
CA GLU A 83 -16.73 10.74 16.18
C GLU A 83 -15.72 9.70 15.74
N VAL A 84 -15.46 8.72 16.59
CA VAL A 84 -14.52 7.65 16.26
C VAL A 84 -15.28 6.33 16.19
N ALA A 85 -15.37 5.75 15.00
CA ALA A 85 -15.92 4.41 14.86
C ALA A 85 -14.78 3.40 14.82
N THR A 86 -14.97 2.28 15.49
CA THR A 86 -13.96 1.22 15.55
C THR A 86 -14.54 -0.10 15.08
N PRO A 87 -13.69 -1.08 14.75
CA PRO A 87 -14.25 -2.39 14.42
C PRO A 87 -15.07 -2.96 15.57
N GLY A 88 -14.73 -2.59 16.79
CA GLY A 88 -15.45 -3.05 17.96
C GLY A 88 -16.84 -2.46 18.17
N ASN A 89 -17.05 -1.21 17.74
CA ASN A 89 -18.35 -0.58 18.01
C ASN A 89 -19.22 -0.39 16.77
N LEU A 90 -18.68 -0.68 15.59
CA LEU A 90 -19.47 -0.61 14.36
C LEU A 90 -20.42 -1.77 14.22
N PRO A 91 -21.51 -1.58 13.48
CA PRO A 91 -22.43 -2.70 13.24
C PRO A 91 -21.77 -3.79 12.39
N VAL A 92 -22.09 -5.04 12.70
CA VAL A 92 -21.57 -6.16 11.94
C VAL A 92 -21.92 -6.04 10.47
N GLY A 93 -20.93 -6.19 9.60
CA GLY A 93 -21.15 -6.07 8.18
C GLY A 93 -20.57 -4.80 7.59
N TRP A 94 -20.00 -3.94 8.43
CA TRP A 94 -19.44 -2.66 7.95
C TRP A 94 -18.30 -2.92 6.95
N ASP A 95 -17.67 -4.09 7.08
CA ASP A 95 -16.51 -4.43 6.27
C ASP A 95 -16.78 -5.40 5.12
N ALA A 96 -18.05 -5.50 4.73
CA ALA A 96 -18.44 -6.30 3.57
C ALA A 96 -17.74 -5.82 2.31
N GLU A 97 -17.37 -6.77 1.44
CA GLU A 97 -16.82 -6.45 0.14
C GLU A 97 -17.59 -7.22 -0.93
N PRO A 98 -18.20 -6.52 -1.89
CA PRO A 98 -18.33 -5.07 -2.05
C PRO A 98 -19.07 -4.43 -0.86
N ALA A 99 -18.83 -3.14 -0.63
CA ALA A 99 -19.53 -2.44 0.44
C ALA A 99 -21.04 -2.58 0.27
N GLY A 100 -21.72 -2.82 1.38
CA GLY A 100 -23.16 -2.98 1.33
C GLY A 100 -23.88 -2.06 2.27
N ARG A 101 -25.13 -2.42 2.55
CA ARG A 101 -26.03 -1.54 3.28
C ARG A 101 -25.54 -1.18 4.67
N VAL A 102 -24.76 -2.03 5.33
CA VAL A 102 -24.41 -1.72 6.71
C VAL A 102 -23.52 -0.48 6.82
N SER A 103 -22.45 -0.42 6.03
CA SER A 103 -21.57 0.75 6.10
C SER A 103 -22.22 1.97 5.46
N ILE A 104 -22.94 1.76 4.37
CA ILE A 104 -23.59 2.88 3.70
C ILE A 104 -24.65 3.50 4.60
N SER A 105 -25.42 2.66 5.29
CA SER A 105 -26.43 3.18 6.22
C SER A 105 -25.82 3.88 7.42
N PHE A 106 -24.76 3.30 7.98
CA PHE A 106 -24.09 3.93 9.10
C PHE A 106 -23.60 5.33 8.71
N GLY A 107 -22.96 5.40 7.54
CA GLY A 107 -22.45 6.65 7.03
C GLY A 107 -23.55 7.66 6.77
N SER A 108 -24.68 7.16 6.27
CA SER A 108 -25.82 8.03 5.98
C SER A 108 -26.44 8.61 7.23
N GLN A 109 -26.59 7.78 8.26
CA GLN A 109 -27.12 8.26 9.53
C GLN A 109 -26.19 9.30 10.15
N TRP A 110 -24.88 9.05 10.11
CA TRP A 110 -23.93 10.04 10.58
C TRP A 110 -24.04 11.35 9.79
N ALA A 111 -24.09 11.25 8.46
CA ALA A 111 -24.13 12.46 7.65
C ALA A 111 -25.42 13.23 7.89
N GLN A 112 -26.57 12.54 7.86
CA GLN A 112 -27.82 13.28 7.93
C GLN A 112 -28.15 13.78 9.34
N SER A 113 -27.68 13.07 10.36
CA SER A 113 -27.88 13.54 11.73
C SER A 113 -27.03 14.76 12.05
N GLN A 114 -25.95 14.96 11.27
CA GLN A 114 -24.93 15.97 11.56
C GLN A 114 -24.44 15.91 13.03
N ARG A 115 -24.29 14.69 13.54
CA ARG A 115 -23.76 14.42 14.89
C ARG A 115 -22.44 15.16 15.10
N THR A 116 -21.57 15.06 14.09
CA THR A 116 -20.23 15.65 14.09
C THR A 116 -19.88 15.97 12.64
N ALA A 117 -18.94 16.89 12.43
CA ALA A 117 -18.49 17.20 11.08
C ALA A 117 -17.56 16.12 10.53
N LEU A 118 -16.87 15.43 11.44
CA LEU A 118 -15.84 14.45 11.08
C LEU A 118 -16.17 13.09 11.66
N LEU A 119 -15.97 12.05 10.85
CA LEU A 119 -16.10 10.68 11.33
C LEU A 119 -14.83 9.91 10.98
N LEU A 120 -14.14 9.41 11.99
CA LEU A 120 -13.00 8.50 11.79
C LEU A 120 -13.50 7.07 11.72
N VAL A 121 -13.14 6.37 10.64
CA VAL A 121 -13.59 4.99 10.43
C VAL A 121 -12.40 4.08 10.15
N PRO A 122 -12.51 2.81 10.54
CA PRO A 122 -11.47 1.87 10.13
C PRO A 122 -11.46 1.69 8.63
N SER A 123 -10.27 1.41 8.10
CA SER A 123 -10.15 0.96 6.73
C SER A 123 -10.51 -0.52 6.60
N VAL A 124 -11.19 -0.92 5.53
CA VAL A 124 -11.45 -2.35 5.33
C VAL A 124 -10.15 -3.08 4.95
N ILE A 125 -9.16 -2.32 4.51
CA ILE A 125 -7.88 -2.88 4.12
C ILE A 125 -7.00 -3.19 5.34
N VAL A 126 -6.94 -2.23 6.26
CA VAL A 126 -6.19 -2.36 7.51
C VAL A 126 -7.10 -1.80 8.61
N PRO A 127 -7.89 -2.68 9.26
CA PRO A 127 -8.90 -2.20 10.19
C PRO A 127 -8.36 -1.45 11.39
N GLU A 128 -7.09 -1.65 11.71
CA GLU A 128 -6.46 -0.96 12.82
C GLU A 128 -6.11 0.48 12.52
N GLU A 129 -6.18 0.85 11.24
CA GLU A 129 -5.79 2.20 10.84
C GLU A 129 -6.98 2.90 10.19
N THR A 130 -6.95 4.22 10.17
CA THR A 130 -8.19 4.96 9.98
C THR A 130 -8.24 5.78 8.72
N ASN A 131 -9.47 5.96 8.23
CA ASN A 131 -9.78 6.96 7.25
C ASN A 131 -10.61 8.04 7.90
N LEU A 132 -10.68 9.19 7.26
CA LEU A 132 -11.48 10.31 7.74
C LEU A 132 -12.60 10.61 6.74
N LEU A 133 -13.82 10.77 7.26
CA LEU A 133 -14.93 11.29 6.45
C LEU A 133 -15.22 12.71 6.91
N ILE A 134 -15.33 13.65 5.97
CA ILE A 134 -15.72 15.02 6.25
C ILE A 134 -17.09 15.27 5.64
N ASN A 135 -18.02 15.75 6.45
CA ASN A 135 -19.32 16.20 5.97
C ASN A 135 -19.27 17.68 5.66
N PRO A 136 -19.19 18.04 4.36
CA PRO A 136 -19.03 19.46 4.01
C PRO A 136 -20.26 20.30 4.34
N ALA A 137 -21.41 19.66 4.59
CA ALA A 137 -22.62 20.38 4.96
C ALA A 137 -22.62 20.78 6.43
N HIS A 138 -21.72 20.19 7.21
CA HIS A 138 -21.70 20.46 8.65
C HIS A 138 -21.03 21.79 8.96
N PRO A 139 -21.64 22.62 9.81
CA PRO A 139 -21.08 23.92 10.20
C PRO A 139 -19.64 23.86 10.69
N ASP A 140 -19.30 22.80 11.42
CA ASP A 140 -17.96 22.69 11.99
C ASP A 140 -16.88 22.36 10.95
N ALA A 141 -17.26 22.06 9.70
CA ALA A 141 -16.26 21.72 8.68
C ALA A 141 -15.57 22.98 8.15
N LYS A 142 -16.05 24.13 8.60
CA LYS A 142 -15.42 25.39 8.28
C LYS A 142 -13.99 25.42 8.80
N GLY A 143 -13.08 25.81 7.94
CA GLY A 143 -11.71 26.00 8.37
C GLY A 143 -10.80 24.90 7.88
N ILE A 144 -11.39 23.82 7.38
CA ILE A 144 -10.58 22.77 6.76
C ILE A 144 -10.06 23.26 5.44
N LYS A 145 -8.78 22.98 5.15
CA LYS A 145 -8.18 23.42 3.91
C LYS A 145 -7.59 22.23 3.18
N ALA A 146 -7.52 22.34 1.86
CA ALA A 146 -6.94 21.26 1.05
C ALA A 146 -6.04 21.87 -0.01
N ARG A 147 -4.89 21.26 -0.23
CA ARG A 147 -4.03 21.71 -1.32
C ARG A 147 -3.26 20.57 -1.97
N LYS A 148 -3.09 20.65 -3.28
CA LYS A 148 -2.19 19.75 -3.98
C LYS A 148 -0.79 20.04 -3.50
N VAL A 149 -0.07 19.03 -3.02
CA VAL A 149 1.29 19.30 -2.58
C VAL A 149 2.35 18.76 -3.54
N ARG A 150 2.00 17.73 -4.31
CA ARG A 150 2.89 17.22 -5.37
C ARG A 150 2.15 16.26 -6.27
N LYS A 151 2.73 15.92 -7.42
CA LYS A 151 2.21 14.82 -8.21
C LYS A 151 2.40 13.52 -7.46
N TRP A 152 1.44 12.62 -7.57
CA TRP A 152 1.62 11.27 -7.07
C TRP A 152 2.07 10.41 -8.24
N LEU A 153 3.27 9.86 -8.15
CA LEU A 153 3.85 9.12 -9.26
C LEU A 153 3.96 7.63 -9.01
N TYR A 154 3.83 7.19 -7.75
CA TYR A 154 4.01 5.76 -7.49
C TYR A 154 2.86 4.94 -8.03
N ASP A 155 3.17 4.12 -9.01
CA ASP A 155 2.18 3.30 -9.67
C ASP A 155 2.78 1.93 -9.85
N PRO A 156 2.25 0.94 -9.13
CA PRO A 156 2.86 -0.40 -9.18
C PRO A 156 2.82 -1.05 -10.56
N ARG A 157 2.01 -0.51 -11.47
CA ARG A 157 1.97 -1.05 -12.84
C ARG A 157 2.76 -0.19 -13.83
N MSE A 158 3.52 0.78 -13.32
CA MSE A 158 4.35 1.64 -14.17
C MSE A 158 5.39 0.85 -14.95
O MSE A 158 6.10 0.02 -14.39
CB MSE A 158 5.05 2.71 -13.33
CG MSE A 158 5.94 3.64 -14.15
SE MSE A 158 7.08 4.80 -13.06
CE MSE A 158 8.47 3.51 -12.57
N ILE A 159 5.47 1.14 -16.24
CA ILE A 159 6.49 0.54 -17.10
C ILE A 159 7.67 1.49 -17.22
N ARG A 160 8.87 1.01 -16.92
CA ARG A 160 10.08 1.86 -16.95
C ARG A 160 10.45 2.41 -18.37
N VAL B 1 -24.87 -10.23 -22.13
CA VAL B 1 -24.14 -9.28 -22.97
C VAL B 1 -23.10 -8.53 -22.13
N LEU B 2 -21.86 -8.53 -22.60
CA LEU B 2 -20.76 -7.91 -21.85
C LEU B 2 -20.81 -6.39 -21.89
N GLY B 3 -21.17 -5.83 -23.05
CA GLY B 3 -21.19 -4.39 -23.23
C GLY B 3 -19.84 -3.74 -22.92
N LEU B 4 -18.79 -4.29 -23.50
CA LEU B 4 -17.45 -3.77 -23.26
C LEU B 4 -17.29 -2.35 -23.80
N ALA B 5 -17.98 -2.05 -24.90
CA ALA B 5 -17.86 -0.73 -25.53
C ALA B 5 -18.28 0.37 -24.56
N LYS B 6 -19.28 0.08 -23.74
CA LYS B 6 -19.77 1.07 -22.79
C LYS B 6 -18.73 1.32 -21.71
N LEU B 7 -18.13 0.24 -21.21
CA LEU B 7 -17.05 0.36 -20.22
C LEU B 7 -15.81 1.03 -20.79
N VAL B 8 -15.45 0.71 -22.04
CA VAL B 8 -14.33 1.38 -22.69
C VAL B 8 -14.61 2.89 -22.79
N GLY B 9 -15.83 3.25 -23.18
CA GLY B 9 -16.20 4.63 -23.31
C GLY B 9 -16.11 5.35 -21.98
N GLN B 10 -16.56 4.68 -20.93
CA GLN B 10 -16.49 5.23 -19.58
C GLN B 10 -15.03 5.52 -19.19
N LEU B 11 -14.16 4.55 -19.48
CA LEU B 11 -12.74 4.69 -19.17
C LEU B 11 -12.09 5.80 -19.99
N GLU B 12 -12.42 5.85 -21.29
CA GLU B 12 -11.87 6.88 -22.15
C GLU B 12 -12.29 8.28 -21.69
N ASP B 13 -13.54 8.42 -21.27
CA ASP B 13 -14.03 9.72 -20.76
C ASP B 13 -13.25 10.14 -19.53
N MSE B 14 -13.00 9.18 -18.64
CA MSE B 14 -12.27 9.44 -17.40
C MSE B 14 -10.85 9.93 -17.68
O MSE B 14 -10.38 10.90 -17.08
CB MSE B 14 -12.25 8.17 -16.56
CG MSE B 14 -11.46 8.24 -15.30
SE MSE B 14 -11.55 6.45 -14.53
CE MSE B 14 -13.46 6.12 -14.78
N VAL B 15 -10.16 9.25 -18.59
CA VAL B 15 -8.78 9.64 -18.91
C VAL B 15 -8.76 10.99 -19.64
N GLU B 16 -9.75 11.23 -20.50
CA GLU B 16 -9.85 12.54 -21.17
C GLU B 16 -10.02 13.67 -20.16
N GLU B 17 -10.82 13.42 -19.13
CA GLU B 17 -11.12 14.44 -18.13
C GLU B 17 -10.01 14.64 -17.11
N SER B 18 -9.29 13.55 -16.82
CA SER B 18 -8.47 13.50 -15.62
C SER B 18 -7.03 13.10 -15.86
N GLY B 19 -6.69 12.81 -17.12
CA GLY B 19 -5.34 12.37 -17.46
C GLY B 19 -4.92 12.74 -18.87
N GLU B 20 -4.08 11.89 -19.43
CA GLU B 20 -3.52 12.09 -20.76
C GLU B 20 -3.94 10.96 -21.68
N THR B 21 -4.64 11.30 -22.76
CA THR B 21 -5.17 10.28 -23.67
C THR B 21 -4.14 9.83 -24.69
N ASP B 22 -3.14 10.64 -24.97
CA ASP B 22 -2.19 10.31 -26.03
C ASP B 22 -1.42 9.02 -25.71
N GLY B 23 -1.50 8.05 -26.61
CA GLY B 23 -0.79 6.80 -26.45
C GLY B 23 -1.54 5.78 -25.61
N PHE B 24 -2.67 6.18 -25.03
CA PHE B 24 -3.40 5.28 -24.15
C PHE B 24 -4.35 4.36 -24.89
N ASP B 25 -4.17 3.06 -24.66
CA ASP B 25 -5.00 2.03 -25.26
C ASP B 25 -6.02 1.52 -24.23
N ALA B 26 -7.21 2.13 -24.20
CA ALA B 26 -8.21 1.81 -23.17
C ALA B 26 -8.75 0.37 -23.26
N PRO B 27 -9.03 -0.12 -24.48
CA PRO B 27 -9.48 -1.51 -24.48
C PRO B 27 -8.44 -2.49 -23.96
N GLU B 28 -7.15 -2.20 -24.17
CA GLU B 28 -6.10 -3.07 -23.67
C GLU B 28 -6.04 -3.05 -22.15
N TRP B 29 -6.11 -1.85 -21.57
CA TRP B 29 -6.08 -1.72 -20.12
C TRP B 29 -7.31 -2.38 -19.51
N LEU B 30 -8.48 -2.12 -20.09
CA LEU B 30 -9.72 -2.69 -19.56
C LEU B 30 -9.69 -4.22 -19.59
N SER B 31 -9.11 -4.78 -20.65
CA SER B 31 -9.03 -6.23 -20.77
C SER B 31 -8.34 -6.86 -19.57
N SER B 32 -7.20 -6.29 -19.18
CA SER B 32 -6.45 -6.83 -18.05
C SER B 32 -7.21 -6.60 -16.75
N TRP B 33 -7.72 -5.39 -16.55
CA TRP B 33 -8.46 -5.07 -15.33
C TRP B 33 -9.64 -5.98 -15.10
N LEU B 34 -10.38 -6.30 -16.17
CA LEU B 34 -11.55 -7.17 -16.05
C LEU B 34 -11.19 -8.58 -15.63
N ARG B 35 -9.95 -8.99 -15.91
CA ARG B 35 -9.51 -10.35 -15.68
C ARG B 35 -8.58 -10.51 -14.49
N GLN B 36 -8.44 -9.44 -13.71
CA GLN B 36 -7.61 -9.47 -12.51
C GLN B 36 -8.48 -9.32 -11.28
N PRO B 37 -8.08 -9.93 -10.16
CA PRO B 37 -8.88 -9.77 -8.93
C PRO B 37 -9.03 -8.29 -8.59
N LEU B 38 -10.24 -7.89 -8.22
CA LEU B 38 -10.48 -6.51 -7.78
C LEU B 38 -10.72 -6.52 -6.28
N PRO B 39 -9.75 -6.01 -5.52
CA PRO B 39 -9.89 -6.12 -4.06
C PRO B 39 -11.17 -5.47 -3.53
N ALA B 40 -11.59 -4.37 -4.14
CA ALA B 40 -12.80 -3.65 -3.73
C ALA B 40 -14.05 -4.53 -3.83
N LEU B 41 -14.01 -5.52 -4.72
CA LEU B 41 -15.16 -6.40 -4.88
C LEU B 41 -14.92 -7.73 -4.19
N GLY B 42 -13.97 -7.77 -3.27
CA GLY B 42 -13.67 -8.97 -2.52
C GLY B 42 -12.77 -9.97 -3.23
N GLY B 43 -12.07 -9.52 -4.26
CA GLY B 43 -11.07 -10.34 -4.91
C GLY B 43 -11.59 -11.08 -6.13
N VAL B 44 -12.82 -10.78 -6.51
CA VAL B 44 -13.39 -11.39 -7.71
C VAL B 44 -12.91 -10.65 -8.96
N ASN B 45 -12.83 -11.36 -10.08
CA ASN B 45 -12.53 -10.71 -11.36
C ASN B 45 -13.76 -10.01 -11.86
N PRO B 46 -13.66 -8.72 -12.21
CA PRO B 46 -14.87 -8.01 -12.67
C PRO B 46 -15.59 -8.68 -13.84
N ILE B 47 -14.87 -9.36 -14.73
CA ILE B 47 -15.49 -10.01 -15.89
C ILE B 47 -16.56 -11.03 -15.46
N ASP B 48 -16.38 -11.62 -14.29
CA ASP B 48 -17.30 -12.65 -13.81
C ASP B 48 -18.62 -12.06 -13.33
N LEU B 49 -18.69 -10.74 -13.18
CA LEU B 49 -19.94 -10.10 -12.75
C LEU B 49 -20.76 -9.53 -13.90
N LEU B 50 -20.21 -9.56 -15.12
CA LEU B 50 -20.85 -8.86 -16.22
C LEU B 50 -22.01 -9.65 -16.85
N ASP B 51 -22.41 -10.75 -16.21
CA ASP B 51 -23.51 -11.55 -16.72
C ASP B 51 -24.87 -11.16 -16.13
N THR B 52 -24.88 -10.20 -15.20
CA THR B 52 -26.14 -9.67 -14.70
C THR B 52 -26.15 -8.14 -14.74
N MSE B 53 -27.35 -7.56 -14.76
CA MSE B 53 -27.47 -6.11 -14.75
C MSE B 53 -26.92 -5.54 -13.45
O MSE B 53 -26.32 -4.46 -13.45
CB MSE B 53 -28.94 -5.70 -14.96
CG MSE B 53 -29.39 -5.76 -16.42
SE MSE B 53 -28.39 -4.54 -17.60
CE MSE B 53 -27.21 -5.82 -18.47
N GLU B 54 -27.10 -6.26 -12.36
CA GLU B 54 -26.58 -5.83 -11.06
C GLU B 54 -25.07 -5.83 -11.05
N GLY B 55 -24.47 -6.88 -11.59
CA GLY B 55 -23.03 -6.99 -11.68
C GLY B 55 -22.45 -5.92 -12.58
N GLN B 56 -23.15 -5.62 -13.68
CA GLN B 56 -22.73 -4.55 -14.57
C GLN B 56 -22.67 -3.22 -13.83
N ALA B 57 -23.69 -2.94 -13.03
CA ALA B 57 -23.75 -1.71 -12.25
C ALA B 57 -22.60 -1.63 -11.24
N VAL B 58 -22.31 -2.76 -10.60
CA VAL B 58 -21.26 -2.82 -9.59
C VAL B 58 -19.89 -2.52 -10.20
N VAL B 59 -19.63 -3.14 -11.36
CA VAL B 59 -18.35 -2.96 -12.03
C VAL B 59 -18.20 -1.53 -12.55
N SER B 60 -19.26 -0.99 -13.14
CA SER B 60 -19.23 0.40 -13.61
C SER B 60 -18.99 1.38 -12.46
N ARG B 61 -19.57 1.11 -11.29
CA ARG B 61 -19.37 2.01 -10.15
CA ARG B 61 -19.39 1.97 -10.12
C ARG B 61 -17.95 1.94 -9.65
N ALA B 62 -17.38 0.74 -9.56
CA ALA B 62 -15.98 0.60 -9.16
C ALA B 62 -15.08 1.36 -10.11
N LEU B 63 -15.33 1.25 -11.41
CA LEU B 63 -14.53 1.96 -12.41
CA LEU B 63 -14.54 1.97 -12.40
C LEU B 63 -14.65 3.47 -12.18
N ALA B 64 -15.87 3.94 -11.92
CA ALA B 64 -16.10 5.36 -11.71
C ALA B 64 -15.39 5.89 -10.45
N GLN B 65 -15.25 5.03 -9.44
CA GLN B 65 -14.63 5.45 -8.18
C GLN B 65 -13.13 5.67 -8.34
N ILE B 66 -12.54 5.07 -9.37
CA ILE B 66 -11.14 5.31 -9.68
C ILE B 66 -10.92 6.81 -9.88
N GLN B 67 -11.89 7.48 -10.50
CA GLN B 67 -11.81 8.91 -10.72
C GLN B 67 -12.37 9.73 -9.55
N SER B 68 -13.48 9.28 -8.97
CA SER B 68 -14.19 10.12 -7.99
C SER B 68 -13.45 10.24 -6.67
N GLY B 69 -12.67 9.21 -6.33
CA GLY B 69 -11.91 9.22 -5.08
C GLY B 69 -12.71 8.79 -3.85
N ALA B 70 -13.91 8.26 -4.07
CA ALA B 70 -14.64 7.66 -2.96
C ALA B 70 -13.93 6.38 -2.62
N PHE B 71 -13.82 6.08 -1.32
CA PHE B 71 -13.24 4.79 -0.96
C PHE B 71 -14.31 3.72 -1.11
N ALA B 72 -13.91 2.59 -1.65
CA ALA B 72 -14.86 1.58 -2.09
C ALA B 72 -15.25 0.63 -0.96
N PRO C 1 8.56 -0.33 30.15
CA PRO C 1 8.69 1.04 29.62
C PRO C 1 7.59 1.37 28.64
N VAL C 2 7.35 2.67 28.41
CA VAL C 2 6.45 3.10 27.36
C VAL C 2 7.11 2.74 26.04
N THR C 3 6.32 2.22 25.10
CA THR C 3 6.85 1.82 23.80
C THR C 3 6.11 2.45 22.64
N THR C 4 6.77 2.41 21.49
CA THR C 4 6.18 2.82 20.23
C THR C 4 6.21 1.62 19.31
N SER C 5 5.10 1.36 18.63
CA SER C 5 4.99 0.20 17.76
C SER C 5 5.38 0.49 16.31
N PHE C 6 6.13 -0.45 15.74
CA PHE C 6 6.44 -0.48 14.32
C PHE C 6 5.99 -1.84 13.79
N TRP C 7 5.99 -2.00 12.47
CA TRP C 7 5.24 -3.09 11.85
C TRP C 7 6.00 -3.77 10.74
N ARG C 8 5.90 -5.10 10.69
CA ARG C 8 6.43 -5.88 9.58
C ARG C 8 5.37 -6.86 9.17
N ILE C 9 5.36 -7.20 7.89
CA ILE C 9 4.59 -8.32 7.40
C ILE C 9 5.60 -9.38 6.98
N ALA C 10 5.61 -10.51 7.68
CA ALA C 10 6.68 -11.47 7.52
C ALA C 10 6.16 -12.90 7.56
N THR C 11 7.00 -13.82 7.11
CA THR C 11 6.66 -15.23 7.09
C THR C 11 7.55 -16.01 8.04
N ASP C 12 7.06 -17.18 8.45
CA ASP C 12 7.88 -18.17 9.14
C ASP C 12 8.71 -18.92 8.11
N ALA C 13 9.74 -19.61 8.58
CA ALA C 13 10.47 -20.52 7.72
C ALA C 13 10.85 -21.76 8.53
N ARG C 14 11.68 -22.60 7.94
CA ARG C 14 12.08 -23.84 8.59
C ARG C 14 12.97 -23.56 9.82
N THR C 15 13.73 -22.48 9.77
CA THR C 15 14.73 -22.23 10.81
C THR C 15 14.51 -20.95 11.64
N TYR C 16 13.42 -20.23 11.35
CA TYR C 16 13.09 -19.04 12.14
C TYR C 16 11.60 -18.73 12.05
N GLU C 17 11.13 -17.86 12.94
CA GLU C 17 9.74 -17.42 12.92
CA GLU C 17 9.74 -17.42 12.94
C GLU C 17 9.63 -15.97 12.45
N ALA C 18 8.42 -15.59 12.07
CA ALA C 18 8.18 -14.26 11.53
C ALA C 18 8.55 -13.13 12.49
N ASP C 19 8.57 -13.42 13.78
CA ASP C 19 8.92 -12.39 14.77
C ASP C 19 10.42 -12.34 15.09
N ASP C 20 11.23 -13.00 14.28
CA ASP C 20 12.70 -12.94 14.42
C ASP C 20 13.23 -11.52 14.38
N LEU C 21 14.04 -11.14 15.37
CA LEU C 21 14.68 -9.83 15.38
C LEU C 21 16.21 -9.94 15.21
N SER C 22 16.68 -11.11 14.79
CA SER C 22 18.12 -11.31 14.61
C SER C 22 18.67 -10.64 13.34
N GLY C 23 17.79 -10.30 12.41
CA GLY C 23 18.21 -9.74 11.14
C GLY C 23 18.78 -10.79 10.18
N ALA C 24 18.57 -12.07 10.49
CA ALA C 24 19.16 -13.14 9.69
C ALA C 24 18.70 -13.12 8.24
N GLY C 25 17.41 -12.83 8.04
CA GLY C 25 16.86 -12.85 6.69
C GLY C 25 17.44 -11.76 5.83
N ALA C 26 17.45 -10.52 6.35
CA ALA C 26 18.04 -9.44 5.60
C ALA C 26 19.53 -9.64 5.39
N LYS C 27 20.20 -10.31 6.33
CA LYS C 27 21.62 -10.59 6.16
C LYS C 27 21.86 -11.48 4.94
N ILE C 28 20.95 -12.40 4.69
CA ILE C 28 21.05 -13.31 3.56
C ILE C 28 20.68 -12.64 2.23
N THR C 29 19.62 -11.85 2.21
CA THR C 29 19.12 -11.34 0.94
C THR C 29 19.64 -9.96 0.58
N GLY C 30 20.05 -9.19 1.57
CA GLY C 30 20.31 -7.78 1.33
C GLY C 30 18.99 -7.05 1.20
N GLY C 31 19.07 -5.74 1.06
CA GLY C 31 17.89 -4.90 0.97
C GLY C 31 18.32 -3.51 0.56
N ARG C 32 17.38 -2.58 0.50
CA ARG C 32 17.71 -1.21 0.08
C ARG C 32 18.78 -0.59 0.96
N TRP C 33 18.82 -0.97 2.22
CA TRP C 33 19.71 -0.31 3.18
C TRP C 33 20.71 -1.27 3.82
N ASN C 34 20.95 -2.42 3.18
CA ASN C 34 22.02 -3.28 3.70
C ASN C 34 22.56 -4.23 2.66
N GLU C 35 23.87 -4.41 2.69
CA GLU C 35 24.49 -5.40 1.83
C GLU C 35 24.34 -6.80 2.43
N VAL C 36 24.40 -7.79 1.56
CA VAL C 36 24.48 -9.17 2.00
C VAL C 36 25.63 -9.29 2.99
N GLY C 37 25.35 -9.92 4.12
CA GLY C 37 26.35 -10.09 5.16
C GLY C 37 26.20 -9.15 6.34
N VAL C 38 25.38 -8.12 6.19
CA VAL C 38 25.10 -7.19 7.28
C VAL C 38 23.68 -7.40 7.77
N ALA C 39 23.52 -7.74 9.05
CA ALA C 39 22.20 -8.04 9.60
C ALA C 39 21.52 -6.80 10.13
N ILE C 40 20.33 -6.51 9.60
CA ILE C 40 19.44 -5.51 10.18
C ILE C 40 18.02 -6.01 10.05
N VAL C 41 17.11 -5.35 10.77
CA VAL C 41 15.68 -5.66 10.67
C VAL C 41 14.98 -4.46 10.06
N TYR C 42 14.12 -4.72 9.07
CA TYR C 42 13.31 -3.68 8.42
C TYR C 42 11.91 -3.62 9.00
N ALA C 43 11.45 -2.43 9.36
CA ALA C 43 10.06 -2.28 9.79
C ALA C 43 9.49 -0.97 9.29
N ALA C 44 8.17 -0.86 9.34
CA ALA C 44 7.51 0.35 8.84
C ALA C 44 6.78 1.08 9.95
N SER C 45 6.58 2.39 9.79
CA SER C 45 5.92 3.17 10.84
CA SER C 45 5.91 3.16 10.83
C SER C 45 4.40 2.98 10.87
N SER C 46 3.83 2.43 9.79
CA SER C 46 2.41 2.10 9.77
C SER C 46 2.22 0.71 9.17
N ARG C 47 1.08 0.10 9.46
CA ARG C 47 0.77 -1.18 8.87
C ARG C 47 0.52 -1.04 7.36
N ALA C 48 -0.09 0.07 6.95
CA ALA C 48 -0.28 0.34 5.54
C ALA C 48 1.05 0.37 4.79
N MSE C 49 2.03 1.03 5.37
CA MSE C 49 3.36 1.09 4.75
C MSE C 49 4.00 -0.30 4.71
O MSE C 49 4.62 -0.66 3.71
CB MSE C 49 4.27 2.08 5.48
CG MSE C 49 5.69 2.07 4.96
SE MSE C 49 5.81 2.81 3.15
CE MSE C 49 5.55 4.66 3.62
N ALA C 50 3.84 -1.07 5.78
CA ALA C 50 4.37 -2.43 5.77
C ALA C 50 3.84 -3.24 4.57
N CYS C 51 2.56 -3.05 4.25
CA CYS C 51 1.94 -3.68 3.09
C CYS C 51 2.54 -3.19 1.78
N LEU C 52 2.68 -1.87 1.63
CA LEU C 52 3.29 -1.36 0.41
C LEU C 52 4.70 -1.87 0.18
N GLU C 53 5.51 -1.91 1.24
CA GLU C 53 6.91 -2.31 1.10
C GLU C 53 7.09 -3.79 0.88
N THR C 54 6.07 -4.57 1.21
CA THR C 54 6.21 -6.00 1.03
C THR C 54 5.43 -6.47 -0.19
N VAL C 55 4.12 -6.57 -0.06
CA VAL C 55 3.28 -7.18 -1.09
CA VAL C 55 3.37 -7.23 -1.12
C VAL C 55 3.25 -6.37 -2.40
N VAL C 56 3.09 -5.05 -2.26
CA VAL C 56 2.98 -4.23 -3.46
C VAL C 56 4.31 -4.00 -4.18
N HIS C 57 5.33 -3.54 -3.45
CA HIS C 57 6.58 -3.18 -4.08
C HIS C 57 7.30 -4.37 -4.73
N LEU C 58 7.11 -5.55 -4.16
CA LEU C 58 7.74 -6.76 -4.73
C LEU C 58 6.75 -7.56 -5.58
N ASN C 59 5.57 -6.99 -5.81
CA ASN C 59 4.51 -7.64 -6.59
C ASN C 59 4.33 -9.10 -6.19
N SER C 60 4.27 -9.35 -4.89
CA SER C 60 4.28 -10.72 -4.40
C SER C 60 2.92 -11.28 -4.08
N GLY C 61 1.86 -10.58 -4.51
CA GLY C 61 0.51 -11.09 -4.35
C GLY C 61 0.25 -12.38 -5.10
N GLY C 62 -0.66 -13.19 -4.56
CA GLY C 62 -1.03 -14.43 -5.21
C GLY C 62 -0.19 -15.62 -4.81
N LEU C 63 0.84 -15.38 -3.99
CA LEU C 63 1.61 -16.47 -3.43
C LEU C 63 0.91 -17.00 -2.18
N PRO C 64 0.80 -18.33 -2.06
CA PRO C 64 0.13 -18.93 -0.90
C PRO C 64 1.07 -18.98 0.30
N LEU C 65 1.58 -17.81 0.70
CA LEU C 65 2.43 -17.73 1.87
C LEU C 65 1.60 -17.48 3.11
N ASN C 66 2.04 -18.03 4.22
CA ASN C 66 1.41 -17.71 5.50
C ASN C 66 2.09 -16.47 6.05
N ARG C 67 1.47 -15.32 5.76
CA ARG C 67 2.03 -14.05 6.20
C ARG C 67 1.43 -13.59 7.51
N TYR C 68 2.26 -12.95 8.32
CA TYR C 68 1.83 -12.44 9.63
C TYR C 68 2.12 -10.97 9.76
N LEU C 69 1.18 -10.27 10.37
CA LEU C 69 1.47 -8.93 10.86
C LEU C 69 2.25 -9.07 12.17
N VAL C 70 3.45 -8.50 12.19
CA VAL C 70 4.33 -8.53 13.36
C VAL C 70 4.43 -7.13 13.97
N GLU C 71 4.11 -7.03 15.25
CA GLU C 71 4.24 -5.78 15.99
C GLU C 71 5.61 -5.76 16.64
N ILE C 72 6.37 -4.70 16.37
CA ILE C 72 7.65 -4.50 17.00
C ILE C 72 7.53 -3.39 18.03
N GLU C 73 7.71 -3.73 19.31
CA GLU C 73 7.55 -2.75 20.36
C GLU C 73 8.91 -2.19 20.76
N VAL C 74 9.11 -0.92 20.46
CA VAL C 74 10.39 -0.26 20.69
C VAL C 74 10.29 0.64 21.91
N PRO C 75 11.16 0.42 22.91
CA PRO C 75 11.09 1.31 24.09
C PRO C 75 11.37 2.75 23.68
N ASP C 76 10.59 3.69 24.18
CA ASP C 76 10.73 5.08 23.79
C ASP C 76 12.13 5.65 24.08
N GLU C 77 12.80 5.09 25.08
CA GLU C 77 14.14 5.52 25.45
CA GLU C 77 14.15 5.51 25.45
C GLU C 77 15.15 5.18 24.35
N VAL C 78 14.92 4.07 23.66
CA VAL C 78 15.76 3.65 22.54
C VAL C 78 15.40 4.44 21.28
N LEU C 79 14.10 4.65 21.08
CA LEU C 79 13.65 5.47 19.95
C LEU C 79 14.18 6.90 20.08
N ALA C 80 14.30 7.36 21.33
CA ALA C 80 14.82 8.70 21.60
C ALA C 80 16.24 8.91 21.05
N SER C 81 17.01 7.83 20.94
CA SER C 81 18.37 7.92 20.43
C SER C 81 18.51 7.59 18.94
N ALA C 82 17.40 7.32 18.27
CA ALA C 82 17.46 6.97 16.86
C ALA C 82 18.09 8.05 16.02
N GLU C 83 18.88 7.64 15.04
CA GLU C 83 19.33 8.55 14.01
C GLU C 83 18.18 8.75 13.01
N VAL C 84 18.01 9.98 12.51
CA VAL C 84 16.93 10.25 11.56
C VAL C 84 17.49 10.73 10.23
N ALA C 85 17.33 9.91 9.21
CA ALA C 85 17.72 10.29 7.86
C ALA C 85 16.50 10.83 7.12
N THR C 86 16.68 11.88 6.35
CA THR C 86 15.59 12.52 5.62
C THR C 86 15.96 12.65 4.17
N PRO C 87 14.96 12.82 3.28
CA PRO C 87 15.32 13.08 1.88
C PRO C 87 16.20 14.32 1.74
N GLY C 88 16.07 15.25 2.66
CA GLY C 88 16.90 16.45 2.66
C GLY C 88 18.35 16.21 3.01
N ASN C 89 18.64 15.24 3.90
CA ASN C 89 20.01 15.08 4.36
C ASN C 89 20.72 13.81 3.88
N LEU C 90 20.01 12.96 3.16
CA LEU C 90 20.62 11.74 2.62
C LEU C 90 21.46 12.03 1.38
N PRO C 91 22.44 11.17 1.10
CA PRO C 91 23.21 11.32 -0.14
C PRO C 91 22.30 11.14 -1.36
N VAL C 92 22.55 11.91 -2.40
CA VAL C 92 21.85 11.76 -3.67
C VAL C 92 22.02 10.33 -4.18
N GLY C 93 20.91 9.72 -4.55
CA GLY C 93 20.92 8.37 -5.08
C GLY C 93 20.32 7.36 -4.13
N TRP C 94 19.97 7.81 -2.93
CA TRP C 94 19.41 6.91 -1.91
C TRP C 94 18.10 6.27 -2.41
N ASP C 95 17.41 6.97 -3.31
CA ASP C 95 16.10 6.53 -3.79
C ASP C 95 16.13 5.89 -5.18
N ALA C 96 17.30 5.44 -5.61
CA ALA C 96 17.42 4.77 -6.90
C ALA C 96 16.59 3.49 -6.97
N GLU C 97 16.05 3.21 -8.15
CA GLU C 97 15.31 1.97 -8.37
CA GLU C 97 15.30 1.98 -8.38
C GLU C 97 15.86 1.25 -9.60
N PRO C 98 16.41 0.04 -9.40
CA PRO C 98 16.60 -0.72 -8.16
C PRO C 98 17.57 -0.02 -7.21
N ALA C 99 17.48 -0.36 -5.93
CA ALA C 99 18.40 0.19 -4.95
C ALA C 99 19.84 -0.02 -5.40
N GLY C 100 20.65 1.01 -5.22
CA GLY C 100 22.03 0.97 -5.61
C GLY C 100 22.96 1.24 -4.44
N ARG C 101 24.23 1.47 -4.77
CA ARG C 101 25.26 1.58 -3.76
C ARG C 101 25.02 2.67 -2.72
N VAL C 102 24.32 3.74 -3.08
CA VAL C 102 24.19 4.85 -2.15
C VAL C 102 23.40 4.46 -0.89
N SER C 103 22.20 3.89 -1.07
CA SER C 103 21.45 3.48 0.10
C SER C 103 22.03 2.21 0.73
N ILE C 104 22.52 1.29 -0.09
CA ILE C 104 23.07 0.04 0.45
C ILE C 104 24.28 0.35 1.34
N SER C 105 25.15 1.24 0.89
CA SER C 105 26.31 1.65 1.68
CA SER C 105 26.31 1.57 1.71
C SER C 105 25.92 2.47 2.90
N PHE C 106 24.96 3.37 2.73
CA PHE C 106 24.58 4.22 3.85
C PHE C 106 24.08 3.38 5.03
N GLY C 107 23.15 2.47 4.77
CA GLY C 107 22.62 1.66 5.83
C GLY C 107 23.62 0.66 6.35
N SER C 108 24.42 0.07 5.47
CA SER C 108 25.43 -0.88 5.91
C SER C 108 26.45 -0.23 6.84
N GLN C 109 26.89 0.96 6.45
CA GLN C 109 27.87 1.68 7.24
C GLN C 109 27.29 2.12 8.58
N TRP C 110 26.02 2.53 8.58
CA TRP C 110 25.37 2.84 9.83
C TRP C 110 25.39 1.62 10.75
N ALA C 111 25.05 0.45 10.22
CA ALA C 111 25.00 -0.75 11.05
C ALA C 111 26.41 -1.09 11.56
N GLN C 112 27.40 -0.94 10.69
CA GLN C 112 28.78 -1.26 11.06
C GLN C 112 29.32 -0.31 12.13
N SER C 113 28.85 0.93 12.13
CA SER C 113 29.34 1.94 13.06
C SER C 113 28.87 1.71 14.49
N GLN C 114 27.73 1.03 14.61
CA GLN C 114 27.03 0.88 15.89
C GLN C 114 26.76 2.21 16.58
N ARG C 115 26.60 3.29 15.82
CA ARG C 115 26.44 4.61 16.43
CA ARG C 115 26.38 4.62 16.39
C ARG C 115 25.07 4.71 17.15
N THR C 116 24.05 4.02 16.64
CA THR C 116 22.76 3.94 17.30
C THR C 116 22.15 2.57 17.04
N ALA C 117 21.18 2.17 17.86
CA ALA C 117 20.45 0.93 17.66
C ALA C 117 19.44 1.07 16.51
N LEU C 118 18.94 2.29 16.32
CA LEU C 118 17.88 2.55 15.35
C LEU C 118 18.25 3.63 14.35
N LEU C 119 17.78 3.44 13.12
CA LEU C 119 17.90 4.44 12.07
C LEU C 119 16.55 4.56 11.40
N LEU C 120 16.00 5.77 11.43
CA LEU C 120 14.76 6.05 10.71
C LEU C 120 15.10 6.56 9.31
N VAL C 121 14.48 5.98 8.29
CA VAL C 121 14.77 6.32 6.90
C VAL C 121 13.48 6.55 6.13
N PRO C 122 13.53 7.41 5.10
CA PRO C 122 12.35 7.55 4.25
C PRO C 122 12.09 6.31 3.44
N SER C 123 10.80 6.06 3.19
CA SER C 123 10.40 5.07 2.22
C SER C 123 10.67 5.56 0.80
N VAL C 124 11.17 4.69 -0.07
CA VAL C 124 11.31 5.06 -1.47
C VAL C 124 9.93 5.18 -2.13
N ILE C 125 8.92 4.53 -1.54
CA ILE C 125 7.57 4.55 -2.08
C ILE C 125 6.86 5.86 -1.72
N VAL C 126 6.99 6.25 -0.46
CA VAL C 126 6.42 7.50 0.05
C VAL C 126 7.50 8.20 0.87
N PRO C 127 8.29 9.07 0.24
CA PRO C 127 9.47 9.60 0.95
C PRO C 127 9.16 10.42 2.19
N GLU C 128 7.93 10.92 2.31
CA GLU C 128 7.51 11.68 3.48
C GLU C 128 7.25 10.80 4.69
N GLU C 129 7.12 9.50 4.47
CA GLU C 129 6.81 8.60 5.58
C GLU C 129 7.99 7.67 5.82
N THR C 130 8.08 7.13 7.04
CA THR C 130 9.33 6.57 7.52
CA THR C 130 9.35 6.56 7.46
C THR C 130 9.30 5.07 7.76
N ASN C 131 10.44 4.45 7.50
CA ASN C 131 10.71 3.07 7.86
C ASN C 131 11.70 3.07 8.99
N LEU C 132 11.78 1.96 9.71
CA LEU C 132 12.71 1.82 10.82
C LEU C 132 13.71 0.72 10.51
N LEU C 133 14.99 1.01 10.68
CA LEU C 133 16.01 -0.03 10.64
C LEU C 133 16.51 -0.29 12.05
N ILE C 134 16.55 -1.58 12.41
CA ILE C 134 17.08 -2.00 13.71
C ILE C 134 18.42 -2.72 13.50
N ASN C 135 19.42 -2.32 14.27
CA ASN C 135 20.68 -3.04 14.31
C ASN C 135 20.71 -4.01 15.49
N PRO C 136 20.54 -5.31 15.22
CA PRO C 136 20.48 -6.29 16.31
C PRO C 136 21.79 -6.44 17.08
N ALA C 137 22.90 -5.99 16.50
CA ALA C 137 24.20 -6.05 17.18
C ALA C 137 24.38 -4.96 18.23
N HIS C 138 23.59 -3.89 18.16
CA HIS C 138 23.71 -2.83 19.13
C HIS C 138 23.14 -3.22 20.50
N PRO C 139 23.85 -2.90 21.58
CA PRO C 139 23.42 -3.32 22.91
C PRO C 139 21.99 -2.87 23.29
N ASP C 140 21.58 -1.71 22.79
CA ASP C 140 20.26 -1.19 23.17
C ASP C 140 19.11 -1.86 22.42
N ALA C 141 19.43 -2.69 21.43
CA ALA C 141 18.39 -3.38 20.67
C ALA C 141 17.77 -4.54 21.46
N LYS C 142 18.43 -4.92 22.56
CA LYS C 142 18.00 -6.09 23.33
C LYS C 142 16.63 -5.90 23.99
N GLY C 143 16.23 -4.66 24.21
CA GLY C 143 14.97 -4.36 24.86
C GLY C 143 13.79 -4.30 23.91
N ILE C 144 14.08 -4.44 22.62
CA ILE C 144 13.03 -4.43 21.60
C ILE C 144 12.40 -5.80 21.50
N LYS C 145 11.08 -5.84 21.43
CA LYS C 145 10.35 -7.10 21.38
C LYS C 145 9.47 -7.17 20.15
N ALA C 146 9.21 -8.38 19.67
CA ALA C 146 8.34 -8.54 18.50
C ALA C 146 7.40 -9.70 18.72
N ARG C 147 6.21 -9.58 18.14
CA ARG C 147 5.21 -10.62 18.26
C ARG C 147 4.31 -10.64 17.04
N LYS C 148 3.98 -11.84 16.56
CA LYS C 148 2.91 -12.00 15.60
C LYS C 148 1.62 -11.57 16.27
N VAL C 149 0.86 -10.67 15.65
CA VAL C 149 -0.40 -10.28 16.28
C VAL C 149 -1.61 -10.79 15.54
N ARG C 150 -1.47 -11.07 14.25
CA ARG C 150 -2.53 -11.71 13.46
C ARG C 150 -2.00 -12.15 12.10
N LYS C 151 -2.76 -12.99 11.42
CA LYS C 151 -2.49 -13.30 10.03
CA LYS C 151 -2.46 -13.28 10.03
C LYS C 151 -2.65 -12.03 9.20
N TRP C 152 -1.79 -11.86 8.21
CA TRP C 152 -2.00 -10.80 7.22
C TRP C 152 -2.65 -11.41 5.99
N LEU C 153 -3.88 -11.01 5.72
CA LEU C 153 -4.63 -11.65 4.65
C LEU C 153 -4.89 -10.74 3.45
N TYR C 154 -4.63 -9.45 3.58
CA TYR C 154 -4.89 -8.57 2.43
C TYR C 154 -3.87 -8.81 1.33
N ASP C 155 -4.34 -9.43 0.26
CA ASP C 155 -3.50 -9.75 -0.87
C ASP C 155 -4.25 -9.28 -2.10
N PRO C 156 -3.76 -8.20 -2.74
CA PRO C 156 -4.58 -7.63 -3.83
C PRO C 156 -4.64 -8.52 -5.06
N ARG C 157 -3.83 -9.57 -5.12
CA ARG C 157 -3.86 -10.47 -6.28
C ARG C 157 -4.49 -11.81 -5.94
N MSE C 158 -5.21 -11.87 -4.83
CA MSE C 158 -5.74 -13.16 -4.41
C MSE C 158 -7.22 -13.30 -4.78
O MSE C 158 -8.05 -12.46 -4.45
CB MSE C 158 -5.55 -13.37 -2.91
CG MSE C 158 -5.84 -14.78 -2.46
SE MSE C 158 -4.83 -16.13 -3.47
CE MSE C 158 -3.17 -16.12 -2.44
N ILE C 159 -7.50 -14.39 -5.48
CA ILE C 159 -8.85 -14.74 -5.90
C ILE C 159 -9.69 -15.26 -4.73
N LEU D 2 20.06 -17.00 -18.44
CA LEU D 2 18.62 -17.02 -18.26
C LEU D 2 18.26 -17.45 -16.84
N GLY D 3 18.76 -18.62 -16.43
CA GLY D 3 18.61 -19.08 -15.06
C GLY D 3 17.19 -19.26 -14.57
N LEU D 4 16.27 -19.58 -15.48
CA LEU D 4 14.87 -19.76 -15.12
CA LEU D 4 14.87 -19.75 -15.12
C LEU D 4 14.65 -20.93 -14.17
N ALA D 5 15.36 -22.03 -14.39
CA ALA D 5 15.21 -23.20 -13.55
C ALA D 5 15.57 -22.91 -12.09
N LYS D 6 16.63 -22.12 -11.91
CA LYS D 6 17.06 -21.72 -10.57
C LYS D 6 15.94 -20.96 -9.87
N LEU D 7 15.31 -20.04 -10.59
CA LEU D 7 14.24 -19.23 -10.03
C LEU D 7 13.01 -20.09 -9.70
N VAL D 8 12.70 -21.05 -10.58
CA VAL D 8 11.59 -21.95 -10.32
C VAL D 8 11.82 -22.70 -9.02
N GLY D 9 13.02 -23.27 -8.87
CA GLY D 9 13.35 -24.02 -7.66
C GLY D 9 13.36 -23.14 -6.43
N GLN D 10 13.86 -21.92 -6.59
CA GLN D 10 13.90 -20.96 -5.49
C GLN D 10 12.48 -20.68 -4.98
N LEU D 11 11.57 -20.42 -5.91
CA LEU D 11 10.17 -20.15 -5.57
C LEU D 11 9.52 -21.35 -4.89
N GLU D 12 9.77 -22.54 -5.43
CA GLU D 12 9.19 -23.75 -4.89
C GLU D 12 9.66 -24.00 -3.45
N ASP D 13 10.95 -23.78 -3.20
CA ASP D 13 11.51 -23.93 -1.85
C ASP D 13 10.87 -22.95 -0.88
N MSE D 14 10.71 -21.72 -1.31
CA MSE D 14 10.11 -20.69 -0.47
C MSE D 14 8.68 -21.03 -0.07
O MSE D 14 8.30 -20.91 1.10
CB MSE D 14 10.15 -19.34 -1.18
CG MSE D 14 9.52 -18.21 -0.42
SE MSE D 14 9.46 -16.66 -1.58
CE MSE D 14 11.24 -16.81 -2.35
N VAL D 15 7.89 -21.49 -1.02
CA VAL D 15 6.49 -21.80 -0.72
C VAL D 15 6.41 -23.03 0.19
N GLU D 16 7.28 -24.00 -0.04
CA GLU D 16 7.36 -25.17 0.84
C GLU D 16 7.68 -24.79 2.28
N GLU D 17 8.62 -23.86 2.46
CA GLU D 17 9.10 -23.48 3.79
C GLU D 17 8.14 -22.54 4.51
N SER D 18 7.43 -21.72 3.74
CA SER D 18 6.78 -20.54 4.29
C SER D 18 5.31 -20.43 3.89
N GLY D 19 4.81 -21.41 3.17
CA GLY D 19 3.44 -21.37 2.72
C GLY D 19 2.81 -22.74 2.56
N GLU D 20 1.82 -22.81 1.67
CA GLU D 20 1.15 -24.07 1.35
C GLU D 20 1.32 -24.42 -0.13
N THR D 21 1.92 -25.58 -0.39
CA THR D 21 2.21 -26.00 -1.75
C THR D 21 0.98 -26.55 -2.48
N ASP D 22 0.06 -27.12 -1.72
CA ASP D 22 -1.11 -27.80 -2.28
C ASP D 22 -1.89 -26.88 -3.23
N GLY D 23 -2.04 -27.31 -4.48
CA GLY D 23 -2.82 -26.59 -5.47
C GLY D 23 -2.12 -25.40 -6.10
N PHE D 24 -0.87 -25.18 -5.73
CA PHE D 24 -0.13 -24.03 -6.24
C PHE D 24 0.78 -24.41 -7.40
N ASP D 25 0.64 -23.67 -8.49
CA ASP D 25 1.45 -23.85 -9.68
C ASP D 25 2.54 -22.79 -9.71
N ALA D 26 3.70 -23.10 -9.14
CA ALA D 26 4.80 -22.13 -9.04
C ALA D 26 5.32 -21.68 -10.41
N PRO D 27 5.52 -22.61 -11.37
CA PRO D 27 5.95 -22.11 -12.68
C PRO D 27 4.97 -21.13 -13.33
N GLU D 28 3.67 -21.34 -13.14
CA GLU D 28 2.67 -20.44 -13.69
C GLU D 28 2.72 -19.06 -13.04
N TRP D 29 2.87 -19.04 -11.72
CA TRP D 29 2.97 -17.77 -11.01
C TRP D 29 4.25 -17.04 -11.41
N LEU D 30 5.36 -17.78 -11.48
CA LEU D 30 6.63 -17.18 -11.82
C LEU D 30 6.62 -16.63 -13.24
N SER D 31 6.00 -17.36 -14.17
CA SER D 31 5.88 -16.91 -15.54
C SER D 31 5.20 -15.55 -15.64
N SER D 32 4.14 -15.38 -14.86
CA SER D 32 3.39 -14.13 -14.84
C SER D 32 4.18 -13.01 -14.17
N TRP D 33 4.79 -13.31 -13.03
CA TRP D 33 5.57 -12.32 -12.28
C TRP D 33 6.75 -11.77 -13.07
N LEU D 34 7.41 -12.65 -13.82
CA LEU D 34 8.56 -12.25 -14.63
C LEU D 34 8.19 -11.31 -15.77
N ARG D 35 6.94 -11.39 -16.22
CA ARG D 35 6.51 -10.61 -17.36
C ARG D 35 5.62 -9.44 -16.97
N GLN D 36 5.72 -9.04 -15.70
CA GLN D 36 5.01 -7.88 -15.19
C GLN D 36 6.02 -6.89 -14.64
N PRO D 37 5.70 -5.58 -14.71
CA PRO D 37 6.61 -4.61 -14.08
C PRO D 37 6.76 -4.86 -12.58
N LEU D 38 7.99 -4.81 -12.12
CA LEU D 38 8.28 -5.01 -10.70
C LEU D 38 8.69 -3.67 -10.13
N PRO D 39 7.86 -3.09 -9.24
CA PRO D 39 8.17 -1.74 -8.73
C PRO D 39 9.56 -1.67 -8.10
N ALA D 40 9.98 -2.74 -7.43
CA ALA D 40 11.30 -2.77 -6.79
C ALA D 40 12.45 -2.61 -7.78
N LEU D 41 12.20 -2.92 -9.06
CA LEU D 41 13.22 -2.76 -10.09
C LEU D 41 12.96 -1.54 -10.96
N GLY D 42 12.13 -0.64 -10.46
CA GLY D 42 11.82 0.58 -11.18
C GLY D 42 10.84 0.36 -12.31
N GLY D 43 10.04 -0.70 -12.20
CA GLY D 43 8.97 -0.92 -13.14
C GLY D 43 9.39 -1.69 -14.38
N VAL D 44 10.53 -2.36 -14.32
CA VAL D 44 11.00 -3.23 -15.39
C VAL D 44 10.39 -4.61 -15.19
N ASN D 45 10.15 -5.33 -16.29
CA ASN D 45 9.82 -6.75 -16.22
C ASN D 45 11.08 -7.54 -15.88
N PRO D 46 11.04 -8.34 -14.80
CA PRO D 46 12.22 -9.10 -14.37
C PRO D 46 12.82 -9.95 -15.49
N ILE D 47 12.00 -10.42 -16.42
CA ILE D 47 12.48 -11.26 -17.52
C ILE D 47 13.51 -10.52 -18.37
N ASP D 48 13.40 -9.19 -18.46
CA ASP D 48 14.31 -8.39 -19.26
C ASP D 48 15.66 -8.17 -18.60
N LEU D 49 15.87 -8.79 -17.45
CA LEU D 49 17.15 -8.72 -16.75
C LEU D 49 17.87 -10.04 -16.88
N LEU D 50 17.15 -11.07 -17.32
CA LEU D 50 17.70 -12.41 -17.44
C LEU D 50 18.51 -12.54 -18.72
N ASP D 51 19.07 -11.42 -19.17
CA ASP D 51 20.02 -11.37 -20.27
C ASP D 51 21.34 -11.93 -19.78
N THR D 52 21.75 -11.45 -18.63
CA THR D 52 23.09 -11.69 -18.10
C THR D 52 23.08 -12.32 -16.72
N MSE D 53 24.25 -12.72 -16.24
CA MSE D 53 24.39 -13.33 -14.92
C MSE D 53 24.09 -12.33 -13.81
O MSE D 53 23.48 -12.68 -12.79
CB MSE D 53 25.80 -13.91 -14.74
CG MSE D 53 26.11 -15.09 -15.65
SE MSE D 53 24.79 -16.53 -15.55
CE MSE D 53 23.68 -16.07 -17.09
N GLU D 54 24.52 -11.08 -13.99
CA GLU D 54 24.29 -10.03 -13.01
C GLU D 54 22.80 -9.82 -12.79
N GLY D 55 22.07 -9.62 -13.89
CA GLY D 55 20.64 -9.41 -13.82
C GLY D 55 19.90 -10.59 -13.23
N GLN D 56 20.46 -11.78 -13.41
CA GLN D 56 19.88 -13.00 -12.84
C GLN D 56 19.94 -12.95 -11.32
N ALA D 57 21.09 -12.51 -10.80
CA ALA D 57 21.28 -12.38 -9.36
C ALA D 57 20.37 -11.29 -8.78
N VAL D 58 20.14 -10.24 -9.57
CA VAL D 58 19.23 -9.17 -9.18
C VAL D 58 17.82 -9.70 -9.00
N VAL D 59 17.35 -10.46 -9.98
CA VAL D 59 15.98 -10.98 -9.95
C VAL D 59 15.85 -12.04 -8.84
N SER D 60 16.88 -12.86 -8.68
CA SER D 60 16.90 -13.86 -7.62
C SER D 60 16.87 -13.22 -6.22
N ARG D 61 17.57 -12.11 -6.04
CA ARG D 61 17.59 -11.46 -4.74
C ARG D 61 16.22 -10.83 -4.48
N ALA D 62 15.59 -10.25 -5.50
CA ALA D 62 14.26 -9.66 -5.32
C ALA D 62 13.25 -10.73 -4.90
N LEU D 63 13.30 -11.89 -5.57
CA LEU D 63 12.44 -13.00 -5.19
CA LEU D 63 12.44 -13.00 -5.19
C LEU D 63 12.71 -13.43 -3.76
N ALA D 64 13.98 -13.45 -3.36
CA ALA D 64 14.34 -13.87 -2.02
C ALA D 64 13.84 -12.89 -0.97
N GLN D 65 13.79 -11.61 -1.32
CA GLN D 65 13.29 -10.59 -0.40
C GLN D 65 11.80 -10.77 -0.08
N ILE D 66 11.07 -11.44 -0.97
CA ILE D 66 9.69 -11.77 -0.67
C ILE D 66 9.61 -12.61 0.62
N GLN D 67 10.61 -13.46 0.81
CA GLN D 67 10.63 -14.30 1.99
C GLN D 67 11.29 -13.63 3.20
N SER D 68 12.38 -12.90 2.98
CA SER D 68 13.07 -12.32 4.13
C SER D 68 12.34 -11.12 4.69
N GLY D 69 11.57 -10.45 3.84
CA GLY D 69 10.87 -9.26 4.28
C GLY D 69 11.78 -8.04 4.38
N ALA D 70 12.95 -8.09 3.78
CA ALA D 70 13.80 -6.92 3.66
C ALA D 70 13.17 -6.00 2.64
N PHE D 71 13.21 -4.69 2.89
CA PHE D 71 12.59 -3.76 1.95
C PHE D 71 13.53 -3.53 0.77
N ALA D 72 12.95 -3.34 -0.42
CA ALA D 72 13.76 -3.44 -1.63
C ALA D 72 14.20 -2.10 -2.19
C1 GOL E . 14.42 -13.71 9.38
O1 GOL E . 15.29 -13.11 10.30
C2 GOL E . 13.58 -12.53 8.99
O2 GOL E . 13.84 -12.14 7.67
C3 GOL E . 12.13 -12.74 9.38
O3 GOL E . 11.28 -11.90 8.65
#